data_5UOO
#
_entry.id   5UOO
#
_cell.length_a   52.188
_cell.length_b   72.793
_cell.length_c   32.117
_cell.angle_alpha   90.000
_cell.angle_beta   90.000
_cell.angle_gamma   90.000
#
_symmetry.space_group_name_H-M   'P 21 21 2'
#
loop_
_entity.id
_entity.type
_entity.pdbx_description
1 polymer 'Bromodomain-containing protein 4'
2 non-polymer 7-(3,5-dimethyl-1,2-oxazol-4-yl)-6-methoxy-2-methyl-4-(quinolin-4-yl)-9H-pyrimido[4,5-b]indole
3 water water
#
_entity_poly.entity_id   1
_entity_poly.type   'polypeptide(L)'
_entity_poly.pdbx_seq_one_letter_code
;SNAKDVPDSQQHPAPEKSSKVSEQLK(CME)CSGILKEMFAKKHAAYAWPFYKPVDVEALGLHDY(CME)DIIKHPMDMS
TIKSKLEAREYRDAQEFGADVRLMFSNCYKYNPPDHEVVAMARKLQDVFEMRFAKMPDE
;
_entity_poly.pdbx_strand_id   A
#
# COMPACT_ATOMS: atom_id res chain seq x y z
N SER A 19 -23.02 10.23 3.14
CA SER A 19 -22.64 10.27 4.55
C SER A 19 -21.49 9.28 4.85
N LYS A 20 -21.81 7.97 5.04
CA LYS A 20 -20.87 6.91 5.36
C LYS A 20 -19.72 6.78 4.34
N VAL A 21 -20.04 6.74 3.03
CA VAL A 21 -19.05 6.53 1.96
C VAL A 21 -18.06 7.72 1.88
N SER A 22 -18.55 8.98 1.89
CA SER A 22 -17.66 10.15 1.83
C SER A 22 -16.73 10.16 3.05
N GLU A 23 -17.26 9.79 4.23
CA GLU A 23 -16.51 9.69 5.47
C GLU A 23 -15.46 8.61 5.37
N GLN A 24 -15.84 7.45 4.81
CA GLN A 24 -14.90 6.34 4.64
C GLN A 24 -13.75 6.73 3.74
N LEU A 25 -14.07 7.44 2.64
CA LEU A 25 -13.04 7.85 1.67
C LEU A 25 -12.11 8.93 2.27
N LYS A 26 -12.62 9.79 3.17
CA LYS A 26 -11.75 10.75 3.87
C LYS A 26 -10.80 9.98 4.79
N CYS A 28 -9.74 6.82 4.27
CA CYS A 28 -8.76 6.18 3.38
C CYS A 28 -7.69 7.18 2.96
N SER A 29 -8.11 8.41 2.60
CA SER A 29 -7.17 9.46 2.20
C SER A 29 -6.21 9.83 3.35
N GLY A 30 -6.74 9.88 4.58
CA GLY A 30 -5.97 10.17 5.79
C GLY A 30 -4.93 9.09 6.04
N ILE A 31 -5.36 7.83 5.95
CA ILE A 31 -4.46 6.66 6.11
C ILE A 31 -3.32 6.71 5.08
N LEU A 32 -3.63 6.93 3.80
CA LEU A 32 -2.59 6.97 2.76
C LEU A 32 -1.62 8.14 2.97
N LYS A 33 -2.15 9.31 3.39
CA LYS A 33 -1.33 10.47 3.72
CA LYS A 33 -1.29 10.45 3.68
C LYS A 33 -0.36 10.12 4.85
N GLU A 34 -0.87 9.43 5.88
CA GLU A 34 0.00 9.01 6.99
C GLU A 34 1.07 8.03 6.49
N MET A 35 0.71 7.09 5.61
CA MET A 35 1.67 6.12 5.06
C MET A 35 2.80 6.82 4.29
N PHE A 36 2.52 8.02 3.72
CA PHE A 36 3.53 8.85 3.04
C PHE A 36 4.29 9.80 3.99
N ALA A 37 3.90 9.86 5.26
CA ALA A 37 4.49 10.84 6.19
C ALA A 37 5.93 10.54 6.53
N LYS A 38 6.70 11.59 6.87
CA LYS A 38 8.11 11.41 7.18
C LYS A 38 8.33 10.44 8.35
N LYS A 39 7.43 10.41 9.35
CA LYS A 39 7.59 9.54 10.52
C LYS A 39 7.64 8.04 10.14
N HIS A 40 7.07 7.64 8.99
CA HIS A 40 7.09 6.25 8.57
C HIS A 40 8.05 6.00 7.38
N ALA A 41 8.76 7.05 6.90
CA ALA A 41 9.55 6.99 5.65
C ALA A 41 10.64 5.94 5.65
N ALA A 42 11.24 5.64 6.82
CA ALA A 42 12.36 4.70 6.85
C ALA A 42 11.93 3.29 6.45
N TYR A 43 10.65 2.93 6.64
CA TYR A 43 10.16 1.62 6.21
C TYR A 43 9.13 1.73 5.07
N ALA A 44 8.52 2.90 4.83
CA ALA A 44 7.52 3.00 3.76
C ALA A 44 8.10 3.29 2.39
N TRP A 45 9.30 3.89 2.33
CA TRP A 45 9.83 4.38 1.04
C TRP A 45 9.88 3.33 -0.10
N PRO A 46 10.14 2.01 0.10
CA PRO A 46 10.12 1.09 -1.07
C PRO A 46 8.75 0.93 -1.71
N PHE A 47 7.68 1.32 -0.99
CA PHE A 47 6.28 1.18 -1.46
C PHE A 47 5.76 2.46 -2.11
N TYR A 48 6.55 3.54 -2.10
CA TYR A 48 6.04 4.82 -2.63
C TYR A 48 5.74 4.79 -4.11
N LYS A 49 6.53 4.03 -4.88
CA LYS A 49 6.45 4.03 -6.34
C LYS A 49 6.38 2.63 -6.91
N PRO A 50 5.95 2.44 -8.17
CA PRO A 50 5.94 1.09 -8.74
C PRO A 50 7.33 0.46 -8.67
N VAL A 51 7.38 -0.85 -8.46
CA VAL A 51 8.64 -1.59 -8.46
C VAL A 51 9.30 -1.37 -9.83
N ASP A 52 10.53 -0.83 -9.86
CA ASP A 52 11.25 -0.59 -11.13
C ASP A 52 12.04 -1.85 -11.44
N VAL A 53 11.42 -2.75 -12.20
CA VAL A 53 11.97 -4.08 -12.46
C VAL A 53 13.32 -3.99 -13.19
N GLU A 54 13.44 -3.08 -14.16
CA GLU A 54 14.68 -2.93 -14.90
C GLU A 54 15.80 -2.32 -14.03
N ALA A 55 15.50 -1.27 -13.23
CA ALA A 55 16.53 -0.65 -12.38
C ALA A 55 17.01 -1.57 -11.26
N LEU A 56 16.13 -2.43 -10.73
CA LEU A 56 16.50 -3.35 -9.64
C LEU A 56 16.98 -4.73 -10.15
N GLY A 57 16.92 -4.95 -11.47
CA GLY A 57 17.31 -6.20 -12.12
C GLY A 57 16.46 -7.40 -11.73
N LEU A 58 15.16 -7.17 -11.49
CA LEU A 58 14.22 -8.22 -11.07
C LEU A 58 13.52 -8.81 -12.29
N HIS A 59 14.29 -9.57 -13.07
CA HIS A 59 13.84 -10.12 -14.35
C HIS A 59 12.75 -11.18 -14.24
N ASP A 60 12.50 -11.69 -13.01
CA ASP A 60 11.42 -12.66 -12.78
C ASP A 60 10.19 -11.98 -12.13
N TYR A 61 10.26 -10.67 -11.81
CA TYR A 61 9.16 -10.00 -11.12
C TYR A 61 7.80 -10.17 -11.82
N ASP A 63 6.84 -12.36 -13.91
CA ASP A 63 6.43 -13.77 -14.00
C ASP A 63 5.74 -14.22 -12.71
N ILE A 64 6.09 -13.57 -11.60
CA ILE A 64 5.59 -13.90 -10.27
C ILE A 64 4.38 -13.03 -9.91
N ILE A 65 4.48 -11.72 -10.19
CA ILE A 65 3.45 -10.75 -9.82
C ILE A 65 2.61 -10.38 -11.03
N LYS A 66 1.32 -10.74 -11.00
CA LYS A 66 0.42 -10.43 -12.10
C LYS A 66 -0.23 -9.05 -11.94
N HIS A 67 -0.35 -8.54 -10.70
CA HIS A 67 -1.05 -7.28 -10.51
C HIS A 67 -0.25 -6.37 -9.63
N PRO A 68 0.76 -5.65 -10.18
CA PRO A 68 1.56 -4.75 -9.34
C PRO A 68 0.74 -3.65 -8.72
N MET A 69 1.16 -3.20 -7.54
CA MET A 69 0.48 -2.10 -6.86
C MET A 69 1.50 -1.37 -5.98
N ASP A 70 1.29 -0.05 -5.81
CA ASP A 70 2.16 0.83 -5.03
C ASP A 70 1.36 2.00 -4.50
N MET A 71 1.96 2.77 -3.56
CA MET A 71 1.24 3.88 -2.92
C MET A 71 0.91 5.03 -3.86
N SER A 72 1.77 5.31 -4.86
CA SER A 72 1.49 6.41 -5.80
C SER A 72 0.30 6.05 -6.68
N THR A 73 0.19 4.75 -7.06
CA THR A 73 -0.93 4.29 -7.88
C THR A 73 -2.23 4.40 -7.06
N ILE A 74 -2.18 4.00 -5.78
CA ILE A 74 -3.35 4.07 -4.89
C ILE A 74 -3.76 5.55 -4.76
N LYS A 75 -2.76 6.44 -4.58
CA LYS A 75 -2.99 7.87 -4.49
C LYS A 75 -3.73 8.40 -5.71
N SER A 76 -3.27 8.01 -6.92
CA SER A 76 -3.89 8.46 -8.16
CA SER A 76 -3.89 8.46 -8.17
C SER A 76 -5.32 7.94 -8.27
N LYS A 77 -5.57 6.69 -7.82
CA LYS A 77 -6.92 6.09 -7.87
C LYS A 77 -7.85 6.82 -6.89
N LEU A 78 -7.35 7.22 -5.69
CA LEU A 78 -8.15 8.01 -4.75
C LEU A 78 -8.48 9.37 -5.34
N GLU A 79 -7.49 10.03 -5.96
CA GLU A 79 -7.69 11.35 -6.57
C GLU A 79 -8.67 11.29 -7.76
N ALA A 80 -8.70 10.17 -8.50
CA ALA A 80 -9.62 9.98 -9.63
C ALA A 80 -11.01 9.51 -9.16
N ARG A 81 -11.21 9.33 -7.83
CA ARG A 81 -12.46 8.84 -7.20
C ARG A 81 -12.78 7.42 -7.73
N GLU A 82 -11.73 6.63 -8.01
CA GLU A 82 -11.90 5.26 -8.54
C GLU A 82 -12.44 4.32 -7.49
N TYR A 83 -12.06 4.52 -6.22
CA TYR A 83 -12.54 3.65 -5.15
C TYR A 83 -13.94 4.06 -4.74
N ARG A 84 -14.88 3.12 -4.81
CA ARG A 84 -16.27 3.45 -4.46
C ARG A 84 -16.54 3.37 -2.97
N ASP A 85 -15.66 2.67 -2.24
CA ASP A 85 -15.78 2.53 -0.79
C ASP A 85 -14.44 2.09 -0.21
N ALA A 86 -14.38 2.01 1.12
CA ALA A 86 -13.15 1.61 1.80
C ALA A 86 -12.66 0.21 1.48
N GLN A 87 -13.58 -0.75 1.22
CA GLN A 87 -13.14 -2.13 0.98
C GLN A 87 -12.25 -2.25 -0.28
N GLU A 88 -12.58 -1.49 -1.31
CA GLU A 88 -11.82 -1.50 -2.54
C GLU A 88 -10.43 -0.88 -2.34
N PHE A 89 -10.38 0.23 -1.57
CA PHE A 89 -9.10 0.87 -1.22
C PHE A 89 -8.23 -0.11 -0.43
N GLY A 90 -8.83 -0.73 0.59
CA GLY A 90 -8.18 -1.73 1.44
C GLY A 90 -7.60 -2.89 0.65
N ALA A 91 -8.37 -3.38 -0.34
CA ALA A 91 -7.92 -4.49 -1.17
C ALA A 91 -6.64 -4.13 -1.92
N ASP A 92 -6.53 -2.87 -2.45
CA ASP A 92 -5.32 -2.45 -3.18
C ASP A 92 -4.12 -2.31 -2.24
N VAL A 93 -4.35 -1.77 -1.03
CA VAL A 93 -3.24 -1.64 -0.06
C VAL A 93 -2.71 -3.05 0.28
N ARG A 94 -3.63 -3.98 0.56
CA ARG A 94 -3.23 -5.35 0.90
C ARG A 94 -2.61 -6.07 -0.28
N LEU A 95 -3.03 -5.76 -1.52
CA LEU A 95 -2.45 -6.34 -2.74
C LEU A 95 -0.96 -5.94 -2.80
N MET A 96 -0.69 -4.66 -2.49
CA MET A 96 0.68 -4.13 -2.48
C MET A 96 1.53 -4.94 -1.50
N PHE A 97 1.05 -5.17 -0.27
CA PHE A 97 1.83 -5.95 0.69
C PHE A 97 1.93 -7.40 0.26
N SER A 98 0.82 -8.00 -0.24
CA SER A 98 0.83 -9.40 -0.70
C SER A 98 1.86 -9.64 -1.79
N ASN A 99 2.00 -8.68 -2.73
CA ASN A 99 3.00 -8.83 -3.80
C ASN A 99 4.40 -8.87 -3.21
N CYS A 100 4.62 -8.03 -2.18
CA CYS A 100 5.92 -7.97 -1.53
C CYS A 100 6.23 -9.32 -0.83
N TYR A 101 5.25 -9.89 -0.10
CA TYR A 101 5.40 -11.19 0.59
C TYR A 101 5.57 -12.35 -0.40
N LYS A 102 4.91 -12.27 -1.57
CA LYS A 102 5.01 -13.34 -2.57
C LYS A 102 6.38 -13.37 -3.23
N TYR A 103 6.87 -12.19 -3.64
CA TYR A 103 8.10 -12.09 -4.40
C TYR A 103 9.37 -12.29 -3.58
N ASN A 104 9.43 -11.67 -2.40
CA ASN A 104 10.62 -11.66 -1.57
CA ASN A 104 10.62 -11.65 -1.57
C ASN A 104 10.70 -12.77 -0.53
N PRO A 105 11.93 -13.27 -0.20
CA PRO A 105 12.04 -14.30 0.84
C PRO A 105 11.57 -13.73 2.19
N PRO A 106 10.99 -14.54 3.11
CA PRO A 106 10.42 -13.99 4.36
C PRO A 106 11.41 -13.29 5.30
N ASP A 107 12.70 -13.51 5.12
CA ASP A 107 13.73 -12.90 5.96
C ASP A 107 14.37 -11.68 5.28
N HIS A 108 13.84 -11.25 4.11
CA HIS A 108 14.37 -10.07 3.42
C HIS A 108 14.06 -8.82 4.20
N GLU A 109 14.98 -7.83 4.18
CA GLU A 109 14.80 -6.54 4.85
C GLU A 109 13.49 -5.85 4.40
N VAL A 110 13.17 -5.92 3.09
CA VAL A 110 11.95 -5.26 2.57
C VAL A 110 10.67 -5.89 3.16
N VAL A 111 10.73 -7.19 3.57
CA VAL A 111 9.58 -7.88 4.15
C VAL A 111 9.37 -7.36 5.60
N ALA A 112 10.46 -7.14 6.34
CA ALA A 112 10.38 -6.54 7.67
C ALA A 112 9.74 -5.14 7.54
N MET A 113 10.13 -4.36 6.51
CA MET A 113 9.57 -3.02 6.28
CA MET A 113 9.58 -3.03 6.25
C MET A 113 8.09 -3.14 5.94
N ALA A 114 7.72 -4.12 5.10
CA ALA A 114 6.31 -4.35 4.74
C ALA A 114 5.47 -4.66 5.98
N ARG A 115 5.98 -5.53 6.87
CA ARG A 115 5.22 -5.90 8.06
C ARG A 115 4.96 -4.66 8.94
N LYS A 116 5.96 -3.77 9.06
CA LYS A 116 5.83 -2.56 9.86
C LYS A 116 4.82 -1.59 9.24
N LEU A 117 4.93 -1.37 7.92
CA LEU A 117 3.97 -0.46 7.26
C LEU A 117 2.57 -1.07 7.26
N GLN A 118 2.46 -2.41 7.12
CA GLN A 118 1.14 -3.05 7.17
C GLN A 118 0.53 -2.91 8.57
N ASP A 119 1.36 -2.98 9.62
CA ASP A 119 0.83 -2.78 10.99
C ASP A 119 0.27 -1.35 11.14
N VAL A 120 0.98 -0.33 10.62
CA VAL A 120 0.50 1.06 10.62
C VAL A 120 -0.86 1.11 9.89
N PHE A 121 -0.91 0.55 8.69
CA PHE A 121 -2.15 0.55 7.90
C PHE A 121 -3.29 -0.19 8.62
N GLU A 122 -3.07 -1.47 9.04
CA GLU A 122 -4.17 -2.27 9.63
C GLU A 122 -4.72 -1.64 10.92
N MET A 123 -3.84 -1.07 11.75
CA MET A 123 -4.28 -0.47 13.01
C MET A 123 -5.19 0.73 12.78
N ARG A 124 -4.90 1.52 11.74
CA ARG A 124 -5.75 2.68 11.47
C ARG A 124 -6.98 2.31 10.65
N PHE A 125 -6.80 1.43 9.64
CA PHE A 125 -7.92 0.95 8.82
C PHE A 125 -8.99 0.26 9.70
N ALA A 126 -8.58 -0.37 10.82
CA ALA A 126 -9.52 -1.00 11.77
C ALA A 126 -10.47 0.05 12.39
N LYS A 127 -10.04 1.33 12.42
CA LYS A 127 -10.82 2.44 13.01
C LYS A 127 -11.72 3.13 11.98
N MET A 128 -11.93 2.50 10.82
CA MET A 128 -12.78 3.02 9.74
C MET A 128 -14.18 3.37 10.28
N PRO A 129 -14.75 4.55 9.94
CA PRO A 129 -16.15 4.83 10.34
C PRO A 129 -17.07 3.71 9.84
N ASP A 130 -17.99 3.21 10.70
CA ASP A 130 -18.82 2.06 10.29
C ASP A 130 -20.31 2.43 10.10
N GLU A 131 -20.63 3.74 10.12
CA GLU A 131 -21.96 4.30 9.88
C GLU A 131 -21.84 5.79 9.51
#